data_7S04
#
_entry.id   7S04
#
_cell.length_a   66.572
_cell.length_b   118.251
_cell.length_c   53.911
_cell.angle_alpha   90.000
_cell.angle_beta   90.000
_cell.angle_gamma   90.000
#
_symmetry.space_group_name_H-M   'P 21 21 2'
#
loop_
_entity.id
_entity.type
_entity.pdbx_description
1 polymer '1-deoxy-D-xylulose 5-phosphate reductoisomerase'
2 non-polymer '3-[ethanoyl(hydroxy)amino]propylphosphonic acid'
3 non-polymer 'MAGNESIUM ION'
4 non-polymer 'NADPH DIHYDRO-NICOTINAMIDE-ADENINE-DINUCLEOTIDE PHOSPHATE'
5 water water
#
_entity_poly.entity_id   1
_entity_poly.type   'polypeptide(L)'
_entity_poly.pdbx_seq_one_letter_code
;MAHHHHHHMTQSVCILGVTGSIGRSTLKILGQHPDKYSVFAVSAHSRISELVEICKQFRPKVVVVPEQKIAELKTLFAQQ
NISDIDVLAGQEGLVDIASHTDVDIVMAAIVGAAGLLPTLAAVKAGKRVLLANKEALVMSGEIMMQAARDHQALLLPVDS
EHNAIFQSLPHNYLQADRTGQPQLGVSKILLTASGGPFLNHSLEQLVHVTPQQACKHPNWSMGQKISVDSATLMNKGLEL
IEACHLFSISEHFVTVVVHPQSIIHSMVQYVDGSTLAQMGNPDMCTPIAHALAWPERLQTNVPALDLFEYSQLNFQAPDT
QKFPALNLARQAMRAGGLAPTILNAANEIAVEAFLMERIGFTSIPQVVEHTLEKLENAAAESIECILDKDKVARSVAQQY
ISSIGG
;
_entity_poly.pdbx_strand_id   A
#
# COMPACT_ATOMS: atom_id res chain seq x y z
N THR A 10 -17.27 -10.62 -18.38
CA THR A 10 -17.09 -10.95 -16.97
C THR A 10 -15.66 -11.42 -16.71
N GLN A 11 -14.98 -10.74 -15.78
CA GLN A 11 -13.57 -10.97 -15.50
C GLN A 11 -13.37 -11.60 -14.13
N SER A 12 -12.35 -12.44 -14.03
CA SER A 12 -12.03 -13.10 -12.77
C SER A 12 -10.99 -12.31 -11.99
N VAL A 13 -11.13 -12.32 -10.67
CA VAL A 13 -10.31 -11.52 -9.77
C VAL A 13 -9.65 -12.44 -8.75
N CYS A 14 -8.37 -12.19 -8.50
CA CYS A 14 -7.60 -12.81 -7.42
C CYS A 14 -7.30 -11.73 -6.39
N ILE A 15 -7.86 -11.86 -5.20
CA ILE A 15 -7.67 -10.90 -4.13
C ILE A 15 -6.60 -11.45 -3.20
N LEU A 16 -5.45 -10.78 -3.14
CA LEU A 16 -4.40 -11.12 -2.18
C LEU A 16 -4.66 -10.34 -0.90
N GLY A 17 -4.88 -11.06 0.20
CA GLY A 17 -5.19 -10.46 1.48
C GLY A 17 -6.62 -9.97 1.49
N VAL A 18 -7.55 -10.90 1.31
CA VAL A 18 -8.95 -10.56 1.20
C VAL A 18 -9.61 -10.21 2.52
N THR A 19 -9.06 -10.72 3.61
CA THR A 19 -9.67 -10.50 4.91
C THR A 19 -9.40 -9.12 5.49
N GLY A 20 -8.45 -8.37 4.93
CA GLY A 20 -8.08 -7.08 5.46
C GLY A 20 -9.02 -5.97 5.05
N SER A 21 -8.63 -4.74 5.41
CA SER A 21 -9.46 -3.57 5.13
C SER A 21 -9.68 -3.39 3.63
N ILE A 22 -8.59 -3.37 2.86
CA ILE A 22 -8.69 -3.23 1.41
C ILE A 22 -9.43 -4.42 0.81
N GLY A 23 -9.08 -5.63 1.26
CA GLY A 23 -9.77 -6.81 0.76
C GLY A 23 -11.27 -6.73 0.94
N ARG A 24 -11.71 -6.21 2.08
CA ARG A 24 -13.14 -6.14 2.35
C ARG A 24 -13.83 -5.04 1.54
N SER A 25 -13.18 -3.89 1.35
CA SER A 25 -13.76 -2.89 0.45
C SER A 25 -13.87 -3.44 -0.97
N THR A 26 -12.85 -4.18 -1.41
CA THR A 26 -12.91 -4.85 -2.70
C THR A 26 -14.09 -5.82 -2.76
N LEU A 27 -14.30 -6.57 -1.69
CA LEU A 27 -15.44 -7.49 -1.64
C LEU A 27 -16.76 -6.74 -1.76
N LYS A 28 -16.88 -5.59 -1.11
CA LYS A 28 -18.10 -4.78 -1.27
C LYS A 28 -18.34 -4.46 -2.73
N ILE A 29 -17.34 -3.87 -3.39
CA ILE A 29 -17.54 -3.47 -4.79
C ILE A 29 -17.87 -4.69 -5.65
N LEU A 30 -17.08 -5.76 -5.54
CA LEU A 30 -17.32 -6.94 -6.36
C LEU A 30 -18.68 -7.56 -6.08
N GLY A 31 -19.17 -7.44 -4.84
CA GLY A 31 -20.49 -7.96 -4.53
C GLY A 31 -21.60 -7.14 -5.12
N GLN A 32 -21.35 -5.84 -5.35
CA GLN A 32 -22.36 -5.06 -6.06
C GLN A 32 -22.39 -5.32 -7.56
N HIS A 33 -21.39 -6.02 -8.12
CA HIS A 33 -21.29 -6.23 -9.57
C HIS A 33 -20.88 -7.67 -9.88
N PRO A 34 -21.72 -8.65 -9.52
CA PRO A 34 -21.41 -10.04 -9.87
C PRO A 34 -21.55 -10.34 -11.36
N ASP A 35 -22.20 -9.46 -12.13
CA ASP A 35 -22.30 -9.64 -13.56
C ASP A 35 -21.02 -9.22 -14.29
N LYS A 36 -20.21 -8.35 -13.69
CA LYS A 36 -18.97 -7.91 -14.30
C LYS A 36 -17.74 -8.62 -13.75
N TYR A 37 -17.80 -9.12 -12.52
CA TYR A 37 -16.62 -9.65 -11.86
C TYR A 37 -16.97 -10.89 -11.06
N SER A 38 -16.18 -11.95 -11.23
CA SER A 38 -16.24 -13.14 -10.41
C SER A 38 -14.93 -13.27 -9.64
N VAL A 39 -14.98 -13.87 -8.46
CA VAL A 39 -13.80 -14.06 -7.63
C VAL A 39 -13.29 -15.48 -7.86
N PHE A 40 -12.06 -15.59 -8.39
CA PHE A 40 -11.44 -16.88 -8.66
C PHE A 40 -10.52 -17.35 -7.53
N ALA A 41 -9.71 -16.45 -6.98
CA ALA A 41 -8.74 -16.82 -5.96
C ALA A 41 -8.76 -15.80 -4.83
N VAL A 42 -8.25 -16.22 -3.67
CA VAL A 42 -8.29 -15.41 -2.47
C VAL A 42 -7.24 -15.94 -1.51
N SER A 43 -6.73 -15.06 -0.66
CA SER A 43 -5.68 -15.42 0.28
C SER A 43 -5.92 -14.72 1.62
N ALA A 44 -5.59 -15.43 2.69
CA ALA A 44 -5.63 -14.87 4.03
C ALA A 44 -4.49 -15.48 4.83
N HIS A 45 -4.14 -14.83 5.94
CA HIS A 45 -2.97 -15.23 6.70
C HIS A 45 -3.28 -15.68 8.12
N SER A 46 -4.33 -15.16 8.75
CA SER A 46 -4.68 -15.63 10.09
C SER A 46 -6.20 -15.64 10.34
N ARG A 47 -6.94 -14.73 9.73
CA ARG A 47 -8.39 -14.65 9.90
C ARG A 47 -9.01 -15.75 9.05
N ILE A 48 -9.09 -16.94 9.67
CA ILE A 48 -9.46 -18.12 8.87
C ILE A 48 -10.98 -18.28 8.77
N SER A 49 -11.71 -18.06 9.82
CA SER A 49 -13.17 -18.23 9.76
C SER A 49 -13.82 -17.11 8.95
N GLU A 50 -13.32 -15.82 9.07
CA GLU A 50 -13.73 -14.77 8.16
C GLU A 50 -13.52 -15.21 6.71
N LEU A 51 -12.38 -15.86 6.45
CA LEU A 51 -12.09 -16.34 5.10
C LEU A 51 -13.08 -17.42 4.68
N VAL A 52 -13.52 -18.27 5.60
CA VAL A 52 -14.47 -19.32 5.25
C VAL A 52 -15.82 -18.71 4.89
N GLU A 53 -16.29 -17.74 5.65
CA GLU A 53 -17.49 -17.04 5.30
C GLU A 53 -17.37 -16.36 3.97
N ILE A 54 -16.23 -15.70 3.69
CA ILE A 54 -15.99 -15.11 2.37
C ILE A 54 -16.10 -16.17 1.29
N CYS A 55 -15.50 -17.34 1.51
CA CYS A 55 -15.56 -18.41 0.52
C CYS A 55 -16.99 -18.80 0.23
N LYS A 56 -17.79 -18.98 1.28
CA LYS A 56 -19.22 -19.26 1.07
C LYS A 56 -19.85 -18.22 0.15
N GLN A 57 -19.62 -16.93 0.45
CA GLN A 57 -20.32 -15.90 -0.32
C GLN A 57 -19.82 -15.79 -1.76
N PHE A 58 -18.52 -16.01 -2.00
CA PHE A 58 -17.94 -15.73 -3.31
C PHE A 58 -17.39 -16.95 -4.04
N ARG A 59 -17.33 -18.10 -3.39
CA ARG A 59 -17.03 -19.37 -4.05
C ARG A 59 -15.83 -19.27 -4.98
N PRO A 60 -14.64 -18.96 -4.47
CA PRO A 60 -13.44 -18.98 -5.30
C PRO A 60 -13.07 -20.40 -5.66
N LYS A 61 -12.30 -20.53 -6.74
CA LYS A 61 -11.83 -21.84 -7.16
C LYS A 61 -10.62 -22.24 -6.26
N VAL A 62 -9.84 -21.27 -5.80
CA VAL A 62 -8.62 -21.53 -5.04
C VAL A 62 -8.51 -20.52 -3.91
N VAL A 63 -8.03 -20.99 -2.75
CA VAL A 63 -7.72 -20.13 -1.62
C VAL A 63 -6.30 -20.46 -1.18
N VAL A 64 -5.68 -19.51 -0.48
CA VAL A 64 -4.32 -19.67 0.01
C VAL A 64 -4.25 -19.22 1.47
N VAL A 65 -3.46 -19.94 2.26
CA VAL A 65 -3.14 -19.57 3.64
C VAL A 65 -1.72 -20.07 3.88
N PRO A 66 -1.02 -19.58 4.91
CA PRO A 66 0.29 -20.15 5.24
C PRO A 66 0.16 -21.63 5.55
N GLU A 67 1.29 -22.33 5.45
CA GLU A 67 1.27 -23.76 5.74
C GLU A 67 0.70 -24.05 7.12
N GLN A 68 1.20 -23.33 8.15
CA GLN A 68 0.82 -23.55 9.54
C GLN A 68 -0.65 -23.24 9.82
N LYS A 69 -1.45 -22.96 8.79
CA LYS A 69 -2.89 -22.79 8.93
C LYS A 69 -3.71 -23.75 8.08
N ILE A 70 -3.09 -24.42 7.10
CA ILE A 70 -3.83 -25.31 6.21
C ILE A 70 -4.77 -26.20 7.00
N ALA A 71 -4.23 -26.95 7.96
CA ALA A 71 -5.06 -27.81 8.79
C ALA A 71 -6.27 -27.05 9.32
N GLU A 72 -6.04 -25.98 10.07
CA GLU A 72 -7.16 -25.25 10.68
C GLU A 72 -8.21 -24.86 9.65
N LEU A 73 -7.79 -24.58 8.42
CA LEU A 73 -8.75 -24.22 7.38
C LEU A 73 -9.54 -25.44 6.92
N LYS A 74 -8.86 -26.54 6.61
CA LYS A 74 -9.57 -27.69 6.08
C LYS A 74 -10.62 -28.19 7.08
N THR A 75 -10.24 -28.32 8.35
CA THR A 75 -11.22 -28.63 9.38
C THR A 75 -12.45 -27.75 9.29
N LEU A 76 -12.26 -26.44 9.14
CA LEU A 76 -13.40 -25.54 8.99
C LEU A 76 -14.18 -25.90 7.73
N PHE A 77 -13.51 -26.01 6.58
CA PHE A 77 -14.21 -26.41 5.37
C PHE A 77 -14.99 -27.71 5.60
N ALA A 78 -14.44 -28.60 6.43
CA ALA A 78 -15.13 -29.85 6.73
C ALA A 78 -16.49 -29.59 7.36
N GLN A 79 -16.54 -28.74 8.39
CA GLN A 79 -17.80 -28.44 9.06
C GLN A 79 -18.87 -28.03 8.05
N GLN A 80 -18.65 -26.91 7.37
CA GLN A 80 -19.59 -26.37 6.41
C GLN A 80 -19.81 -27.28 5.21
N ASN A 81 -19.14 -28.44 5.16
CA ASN A 81 -19.21 -29.32 3.99
C ASN A 81 -18.83 -28.56 2.71
N ILE A 82 -17.93 -27.59 2.84
CA ILE A 82 -17.43 -26.87 1.69
C ILE A 82 -16.39 -27.74 1.00
N SER A 83 -16.69 -28.16 -0.22
CA SER A 83 -15.78 -28.88 -1.09
C SER A 83 -15.57 -28.04 -2.36
N ASP A 84 -14.84 -28.60 -3.32
CA ASP A 84 -14.58 -28.02 -4.63
C ASP A 84 -13.55 -26.90 -4.57
N ILE A 85 -13.10 -26.47 -3.39
CA ILE A 85 -12.17 -25.36 -3.27
C ILE A 85 -10.75 -25.93 -3.15
N ASP A 86 -9.89 -25.57 -4.09
CA ASP A 86 -8.49 -25.95 -4.02
C ASP A 86 -7.76 -25.12 -2.97
N VAL A 87 -6.91 -25.79 -2.20
CA VAL A 87 -6.19 -25.16 -1.11
C VAL A 87 -4.70 -25.28 -1.38
N LEU A 88 -4.03 -24.13 -1.51
CA LEU A 88 -2.58 -24.05 -1.67
C LEU A 88 -1.99 -23.29 -0.50
N ALA A 89 -0.70 -23.50 -0.25
CA ALA A 89 -0.03 -23.00 0.94
C ALA A 89 1.13 -22.07 0.58
N GLY A 90 1.25 -20.98 1.34
CA GLY A 90 2.47 -20.21 1.39
C GLY A 90 2.63 -19.16 0.30
N GLN A 91 3.82 -18.56 0.32
CA GLN A 91 4.20 -17.62 -0.75
C GLN A 91 4.09 -18.28 -2.11
N GLU A 92 4.40 -19.57 -2.20
CA GLU A 92 4.32 -20.27 -3.47
C GLU A 92 2.89 -20.41 -3.98
N GLY A 93 1.92 -20.58 -3.08
CA GLY A 93 0.53 -20.58 -3.51
C GLY A 93 0.09 -19.18 -3.84
N LEU A 94 0.61 -18.18 -3.11
CA LEU A 94 0.29 -16.78 -3.43
C LEU A 94 0.71 -16.44 -4.85
N VAL A 95 1.93 -16.84 -5.24
CA VAL A 95 2.37 -16.55 -6.60
CA VAL A 95 2.39 -16.58 -6.60
C VAL A 95 1.54 -17.33 -7.61
N ASP A 96 1.26 -18.61 -7.32
CA ASP A 96 0.48 -19.42 -8.25
C ASP A 96 -0.89 -18.82 -8.52
N ILE A 97 -1.55 -18.28 -7.49
CA ILE A 97 -2.86 -17.70 -7.74
C ILE A 97 -2.74 -16.27 -8.29
N ALA A 98 -1.67 -15.56 -7.98
CA ALA A 98 -1.50 -14.21 -8.49
C ALA A 98 -1.18 -14.19 -9.98
N SER A 99 -0.63 -15.28 -10.52
CA SER A 99 -0.29 -15.39 -11.93
C SER A 99 -1.06 -16.50 -12.63
N HIS A 100 -2.23 -16.86 -12.10
CA HIS A 100 -2.97 -18.00 -12.61
C HIS A 100 -3.54 -17.72 -14.00
N THR A 101 -3.53 -18.75 -14.86
CA THR A 101 -4.01 -18.58 -16.23
C THR A 101 -5.43 -18.01 -16.27
N ASP A 102 -6.24 -18.37 -15.35
CA ASP A 102 -7.66 -18.01 -15.36
C ASP A 102 -7.96 -16.72 -14.62
N VAL A 103 -6.96 -16.09 -14.03
CA VAL A 103 -7.19 -14.80 -13.36
C VAL A 103 -6.99 -13.64 -14.32
N ASP A 104 -7.85 -12.63 -14.26
CA ASP A 104 -7.76 -11.45 -15.12
C ASP A 104 -7.31 -10.21 -14.36
N ILE A 105 -7.76 -10.05 -13.12
CA ILE A 105 -7.42 -8.90 -12.29
C ILE A 105 -6.88 -9.43 -10.97
N VAL A 106 -5.85 -8.78 -10.44
CA VAL A 106 -5.27 -9.13 -9.16
C VAL A 106 -5.29 -7.88 -8.28
N MET A 107 -6.02 -7.96 -7.17
CA MET A 107 -5.95 -6.93 -6.14
C MET A 107 -4.80 -7.29 -5.19
N ALA A 108 -3.74 -6.48 -5.19
CA ALA A 108 -2.60 -6.70 -4.31
C ALA A 108 -2.87 -5.94 -3.02
N ALA A 109 -3.55 -6.60 -2.07
CA ALA A 109 -3.92 -5.99 -0.81
C ALA A 109 -3.28 -6.71 0.38
N ILE A 110 -2.16 -7.44 0.17
CA ILE A 110 -1.34 -7.92 1.27
C ILE A 110 -0.63 -6.71 1.87
N VAL A 111 -0.21 -6.79 3.09
CA VAL A 111 0.40 -5.68 3.82
C VAL A 111 1.90 -5.97 3.89
N GLY A 112 2.70 -4.94 3.64
CA GLY A 112 4.13 -5.02 3.86
C GLY A 112 4.88 -5.79 2.78
N ALA A 113 6.08 -6.22 3.16
CA ALA A 113 6.98 -6.89 2.22
C ALA A 113 6.48 -8.27 1.81
N ALA A 114 5.68 -8.93 2.66
CA ALA A 114 5.16 -10.24 2.31
C ALA A 114 4.41 -10.23 0.99
N GLY A 115 3.92 -9.08 0.55
CA GLY A 115 3.20 -9.01 -0.70
C GLY A 115 4.05 -8.85 -1.94
N LEU A 116 5.38 -8.82 -1.80
CA LEU A 116 6.23 -8.47 -2.93
C LEU A 116 6.23 -9.56 -4.00
N LEU A 117 6.54 -10.80 -3.61
CA LEU A 117 6.60 -11.87 -4.59
C LEU A 117 5.27 -12.10 -5.30
N PRO A 118 4.14 -12.22 -4.60
CA PRO A 118 2.87 -12.36 -5.33
C PRO A 118 2.60 -11.18 -6.25
N THR A 119 2.67 -9.97 -5.72
CA THR A 119 2.39 -8.78 -6.52
C THR A 119 3.25 -8.75 -7.78
N LEU A 120 4.57 -8.75 -7.62
CA LEU A 120 5.46 -8.79 -8.77
C LEU A 120 5.06 -9.92 -9.71
N ALA A 121 4.73 -11.10 -9.16
CA ALA A 121 4.29 -12.21 -10.00
C ALA A 121 3.11 -11.77 -10.87
N ALA A 122 2.06 -11.24 -10.25
CA ALA A 122 0.94 -10.70 -11.01
C ALA A 122 1.42 -9.76 -12.10
N VAL A 123 2.37 -8.87 -11.76
CA VAL A 123 2.89 -7.93 -12.75
C VAL A 123 3.52 -8.67 -13.91
N LYS A 124 4.33 -9.70 -13.61
CA LYS A 124 5.05 -10.40 -14.65
C LYS A 124 4.11 -11.24 -15.51
N ALA A 125 2.96 -11.65 -14.97
CA ALA A 125 1.97 -12.37 -15.75
C ALA A 125 1.04 -11.44 -16.53
N GLY A 126 1.35 -10.14 -16.58
CA GLY A 126 0.57 -9.22 -17.38
C GLY A 126 -0.86 -9.02 -16.94
N LYS A 127 -1.19 -9.37 -15.70
CA LYS A 127 -2.53 -9.12 -15.21
C LYS A 127 -2.78 -7.62 -15.06
N ARG A 128 -4.05 -7.26 -14.89
CA ARG A 128 -4.38 -5.95 -14.35
C ARG A 128 -4.16 -5.99 -12.84
N VAL A 129 -3.15 -5.26 -12.37
CA VAL A 129 -2.74 -5.28 -10.96
C VAL A 129 -3.22 -4.00 -10.29
N LEU A 130 -4.12 -4.16 -9.33
CA LEU A 130 -4.55 -3.06 -8.47
C LEU A 130 -3.59 -2.97 -7.29
N LEU A 131 -2.71 -2.01 -7.32
CA LEU A 131 -1.65 -1.91 -6.31
C LEU A 131 -2.16 -1.13 -5.10
N ALA A 132 -2.48 -1.96 -4.10
CA ALA A 132 -2.68 -1.39 -2.77
C ALA A 132 -1.48 -1.59 -1.87
N ASN A 133 -0.90 -2.78 -1.91
CA ASN A 133 0.30 -3.07 -1.12
C ASN A 133 1.43 -2.17 -1.58
N LYS A 134 1.63 -1.06 -0.89
CA LYS A 134 2.58 -0.02 -1.36
C LYS A 134 4.00 -0.50 -1.06
N GLU A 135 4.18 -1.32 0.03
CA GLU A 135 5.51 -1.75 0.43
C GLU A 135 6.21 -2.46 -0.73
N ALA A 136 5.47 -3.31 -1.46
CA ALA A 136 6.07 -4.03 -2.57
C ALA A 136 6.76 -3.09 -3.56
N LEU A 137 6.05 -2.05 -3.98
CA LEU A 137 6.67 -1.08 -4.89
C LEU A 137 7.80 -0.34 -4.21
N VAL A 138 7.63 0.10 -2.96
CA VAL A 138 8.71 0.78 -2.27
C VAL A 138 9.98 -0.06 -2.30
N MET A 139 9.84 -1.38 -2.16
CA MET A 139 11.01 -2.25 -2.16
C MET A 139 11.58 -2.41 -3.57
N SER A 140 10.74 -2.72 -4.55
CA SER A 140 11.22 -3.20 -5.84
C SER A 140 11.36 -2.13 -6.91
N GLY A 141 10.75 -0.95 -6.73
CA GLY A 141 10.89 0.17 -7.63
C GLY A 141 10.91 -0.10 -9.12
N GLU A 142 12.05 0.22 -9.74
CA GLU A 142 12.14 0.13 -11.19
C GLU A 142 12.10 -1.31 -11.69
N ILE A 143 12.45 -2.29 -10.86
CA ILE A 143 12.25 -3.67 -11.28
C ILE A 143 10.77 -3.94 -11.53
N MET A 144 9.92 -3.58 -10.56
CA MET A 144 8.48 -3.80 -10.73
C MET A 144 7.93 -2.96 -11.88
N MET A 145 8.36 -1.71 -12.00
CA MET A 145 7.83 -0.86 -13.06
C MET A 145 8.25 -1.36 -14.45
N GLN A 146 9.53 -1.67 -14.60
CA GLN A 146 10.02 -2.22 -15.85
C GLN A 146 9.37 -3.54 -16.19
N ALA A 147 9.04 -4.35 -15.17
CA ALA A 147 8.36 -5.61 -15.44
C ALA A 147 6.92 -5.35 -15.88
N ALA A 148 6.25 -4.38 -15.28
CA ALA A 148 4.93 -3.99 -15.75
C ALA A 148 4.98 -3.59 -17.22
N ARG A 149 6.00 -2.84 -17.61
CA ARG A 149 6.10 -2.40 -19.00
C ARG A 149 6.48 -3.56 -19.93
N ASP A 150 7.38 -4.44 -19.48
CA ASP A 150 7.84 -5.54 -20.31
C ASP A 150 6.79 -6.61 -20.55
N HIS A 151 5.77 -6.68 -19.69
CA HIS A 151 4.73 -7.68 -19.81
C HIS A 151 3.35 -7.08 -20.05
N GLN A 152 3.30 -5.78 -20.37
CA GLN A 152 2.03 -5.07 -20.61
C GLN A 152 1.06 -5.25 -19.45
N ALA A 153 1.58 -5.36 -18.23
CA ALA A 153 0.72 -5.37 -17.06
C ALA A 153 0.09 -3.99 -16.87
N LEU A 154 -1.20 -3.97 -16.59
CA LEU A 154 -1.93 -2.74 -16.31
C LEU A 154 -1.82 -2.49 -14.81
N LEU A 155 -0.81 -1.71 -14.41
CA LEU A 155 -0.49 -1.50 -13.00
C LEU A 155 -1.15 -0.20 -12.54
N LEU A 156 -2.31 -0.32 -11.86
CA LEU A 156 -3.12 0.84 -11.48
C LEU A 156 -3.08 1.09 -9.97
N PRO A 157 -2.89 2.34 -9.56
CA PRO A 157 -2.72 2.64 -8.12
C PRO A 157 -4.05 2.62 -7.37
N VAL A 158 -4.03 1.99 -6.20
CA VAL A 158 -5.21 1.92 -5.34
C VAL A 158 -5.01 2.83 -4.14
N ASP A 159 -3.75 3.00 -3.71
CA ASP A 159 -3.44 4.00 -2.71
C ASP A 159 -4.11 5.33 -3.06
N SER A 160 -4.88 5.87 -2.11
CA SER A 160 -5.83 6.92 -2.45
C SER A 160 -5.14 8.14 -3.05
N GLU A 161 -4.01 8.57 -2.46
CA GLU A 161 -3.29 9.71 -3.02
C GLU A 161 -2.86 9.43 -4.45
N HIS A 162 -2.26 8.27 -4.68
CA HIS A 162 -1.77 7.94 -6.02
C HIS A 162 -2.90 7.74 -7.01
N ASN A 163 -4.04 7.21 -6.58
CA ASN A 163 -5.20 7.17 -7.47
C ASN A 163 -5.66 8.57 -7.83
N ALA A 164 -5.65 9.46 -6.84
CA ALA A 164 -6.02 10.86 -7.07
C ALA A 164 -5.09 11.51 -8.09
N ILE A 165 -3.79 11.23 -7.96
CA ILE A 165 -2.81 11.78 -8.89
C ILE A 165 -3.01 11.21 -10.28
N PHE A 166 -3.16 9.88 -10.36
CA PHE A 166 -3.48 9.23 -11.64
C PHE A 166 -4.66 9.92 -12.32
N GLN A 167 -5.71 10.20 -11.54
CA GLN A 167 -6.88 10.87 -12.10
C GLN A 167 -6.61 12.32 -12.46
N SER A 168 -5.59 12.95 -11.86
CA SER A 168 -5.31 14.36 -12.09
C SER A 168 -4.17 14.58 -13.09
N LEU A 169 -3.59 13.52 -13.64
CA LEU A 169 -2.56 13.61 -14.66
C LEU A 169 -3.18 13.69 -16.05
N PRO A 170 -2.41 14.11 -17.04
CA PRO A 170 -2.87 13.98 -18.42
C PRO A 170 -3.14 12.50 -18.68
N HIS A 171 -4.19 12.18 -19.44
CA HIS A 171 -4.69 10.81 -19.48
C HIS A 171 -3.86 9.73 -20.03
N ASN A 172 -2.87 10.10 -20.80
CA ASN A 172 -1.97 9.11 -21.38
C ASN A 172 -0.58 9.22 -20.76
N TYR A 173 -0.50 9.78 -19.56
CA TYR A 173 0.79 9.94 -18.89
C TYR A 173 1.55 8.63 -18.80
N LEU A 174 0.86 7.49 -18.86
CA LEU A 174 1.56 6.20 -18.81
C LEU A 174 2.58 6.08 -19.91
N GLN A 175 2.27 6.49 -21.13
CA GLN A 175 3.11 6.28 -22.29
C GLN A 175 4.07 7.38 -22.57
N ALA A 176 4.30 8.20 -21.60
CA ALA A 176 5.21 9.33 -21.76
C ALA A 176 6.65 8.89 -21.49
N ASP A 177 7.57 9.82 -21.73
CA ASP A 177 8.99 9.56 -21.52
C ASP A 177 9.29 9.51 -20.03
N ARG A 178 9.63 8.34 -19.50
CA ARG A 178 10.02 8.21 -18.13
C ARG A 178 11.42 8.70 -18.03
N THR A 179 11.62 9.86 -17.39
CA THR A 179 12.93 10.48 -17.27
C THR A 179 13.23 10.98 -15.86
N GLY A 180 12.33 10.77 -14.90
CA GLY A 180 12.43 11.42 -13.62
C GLY A 180 11.92 12.84 -13.60
N GLN A 181 11.76 13.47 -14.76
CA GLN A 181 11.25 14.81 -14.99
C GLN A 181 9.77 14.77 -15.36
N PRO A 182 8.96 15.68 -14.82
CA PRO A 182 7.55 15.73 -15.20
C PRO A 182 7.38 15.84 -16.71
N GLN A 183 6.19 15.53 -17.22
CA GLN A 183 5.96 15.55 -18.66
C GLN A 183 4.60 16.18 -18.93
N LEU A 184 4.39 16.52 -20.20
CA LEU A 184 3.07 16.93 -20.70
C LEU A 184 2.47 18.06 -19.86
N GLY A 185 3.33 18.99 -19.41
CA GLY A 185 2.87 20.17 -18.72
C GLY A 185 2.87 20.08 -17.22
N VAL A 186 3.13 18.90 -16.64
CA VAL A 186 3.17 18.77 -15.19
C VAL A 186 4.40 19.47 -14.66
N SER A 187 4.26 20.08 -13.48
CA SER A 187 5.35 20.85 -12.89
C SER A 187 5.54 20.47 -11.43
N LYS A 188 4.51 19.96 -10.77
CA LYS A 188 4.65 19.48 -9.40
C LYS A 188 3.49 18.57 -9.05
N ILE A 189 3.72 17.74 -8.03
CA ILE A 189 2.71 16.87 -7.44
C ILE A 189 2.61 17.19 -5.97
N LEU A 190 1.42 17.49 -5.46
CA LEU A 190 1.28 17.79 -4.04
C LEU A 190 0.66 16.53 -3.42
N LEU A 191 1.43 15.84 -2.59
CA LEU A 191 1.00 14.60 -1.94
C LEU A 191 0.40 14.95 -0.59
N THR A 192 -0.92 14.99 -0.52
CA THR A 192 -1.62 15.36 0.70
C THR A 192 -1.45 14.31 1.81
N ALA A 193 -1.53 14.77 3.02
CA ALA A 193 -1.40 13.95 4.18
C ALA A 193 -2.37 14.40 5.26
N SER A 194 -3.03 13.47 5.93
CA SER A 194 -3.90 13.86 7.02
C SER A 194 -3.11 14.41 8.20
N GLY A 195 -1.85 13.99 8.35
CA GLY A 195 -1.05 14.35 9.49
C GLY A 195 -1.16 13.40 10.67
N GLY A 196 -1.94 12.33 10.54
CA GLY A 196 -2.08 11.35 11.59
C GLY A 196 -2.92 11.86 12.74
N PRO A 197 -3.19 10.97 13.71
CA PRO A 197 -3.99 11.38 14.87
C PRO A 197 -3.24 12.27 15.84
N PHE A 198 -1.91 12.28 15.77
CA PHE A 198 -1.08 13.04 16.71
C PHE A 198 -0.49 14.29 16.06
N LEU A 199 -1.16 14.80 15.03
CA LEU A 199 -0.67 15.96 14.30
C LEU A 199 -0.38 17.13 15.24
N ASN A 200 -1.32 17.42 16.14
CA ASN A 200 -1.20 18.55 17.05
C ASN A 200 -0.79 18.13 18.45
N HIS A 201 -0.28 16.92 18.62
CA HIS A 201 0.22 16.47 19.92
C HIS A 201 1.58 17.09 20.21
N SER A 202 1.87 17.25 21.50
CA SER A 202 3.17 17.73 21.93
C SER A 202 4.15 16.56 22.03
N LEU A 203 5.44 16.90 21.97
CA LEU A 203 6.48 15.87 22.07
C LEU A 203 6.29 15.03 23.34
N GLU A 204 5.85 15.66 24.43
CA GLU A 204 5.65 14.92 25.68
C GLU A 204 4.64 13.79 25.49
N GLN A 205 3.48 14.10 24.92
CA GLN A 205 2.49 13.04 24.72
C GLN A 205 2.89 12.12 23.58
N LEU A 206 3.61 12.64 22.57
CA LEU A 206 4.15 11.76 21.54
C LEU A 206 4.98 10.65 22.15
N VAL A 207 5.77 10.98 23.17
CA VAL A 207 6.68 9.99 23.76
C VAL A 207 5.92 8.84 24.40
N HIS A 208 4.67 9.07 24.82
CA HIS A 208 3.92 8.07 25.57
C HIS A 208 2.66 7.61 24.82
N VAL A 209 2.61 7.83 23.51
CA VAL A 209 1.50 7.32 22.72
C VAL A 209 1.42 5.80 22.86
N THR A 210 0.20 5.26 22.94
CA THR A 210 -0.05 3.83 23.04
C THR A 210 -0.47 3.25 21.70
N PRO A 211 -0.34 1.93 21.53
CA PRO A 211 -0.76 1.33 20.25
C PRO A 211 -2.21 1.61 19.90
N GLN A 212 -3.14 1.41 20.85
CA GLN A 212 -4.54 1.67 20.58
C GLN A 212 -4.74 3.08 20.05
N GLN A 213 -4.03 4.05 20.61
CA GLN A 213 -4.14 5.42 20.14
C GLN A 213 -3.62 5.54 18.70
N ALA A 214 -2.48 4.93 18.41
CA ALA A 214 -1.93 4.99 17.06
C ALA A 214 -2.91 4.42 16.03
N CYS A 215 -3.60 3.35 16.39
CA CYS A 215 -4.44 2.62 15.46
C CYS A 215 -5.78 3.29 15.12
N LYS A 216 -6.23 4.23 15.95
CA LYS A 216 -7.52 4.85 15.74
C LYS A 216 -7.41 6.08 14.83
N HIS A 217 -7.47 5.87 13.52
CA HIS A 217 -7.38 7.00 12.62
C HIS A 217 -8.71 7.76 12.59
N PRO A 218 -8.67 9.10 12.56
CA PRO A 218 -9.91 9.88 12.63
C PRO A 218 -10.69 9.94 11.32
N ASN A 219 -10.09 9.56 10.19
CA ASN A 219 -10.78 9.58 8.91
C ASN A 219 -10.97 8.20 8.31
N TRP A 220 -9.90 7.40 8.22
CA TRP A 220 -9.93 6.10 7.57
C TRP A 220 -9.78 4.92 8.52
N SER A 221 -10.73 3.98 8.43
CA SER A 221 -10.65 2.69 9.12
C SER A 221 -9.78 1.70 8.36
N MET A 222 -8.62 1.36 8.92
CA MET A 222 -7.60 0.63 8.19
C MET A 222 -6.92 -0.37 9.10
N GLY A 223 -5.98 -1.13 8.52
CA GLY A 223 -5.16 -2.03 9.29
C GLY A 223 -4.24 -1.30 10.26
N GLN A 224 -3.62 -2.06 11.14
CA GLN A 224 -2.79 -1.47 12.18
C GLN A 224 -1.51 -0.88 11.60
N LYS A 225 -0.89 -1.56 10.64
CA LYS A 225 0.40 -1.10 10.12
C LYS A 225 0.26 0.28 9.47
N ILE A 226 -0.73 0.44 8.58
CA ILE A 226 -0.89 1.72 7.91
C ILE A 226 -1.41 2.77 8.89
N SER A 227 -2.20 2.36 9.88
CA SER A 227 -2.62 3.29 10.93
C SER A 227 -1.41 3.89 11.64
N VAL A 228 -0.52 3.02 12.13
CA VAL A 228 0.68 3.50 12.79
C VAL A 228 1.50 4.38 11.86
N ASP A 229 1.78 3.87 10.65
CA ASP A 229 2.56 4.65 9.69
C ASP A 229 1.97 6.04 9.48
N SER A 230 0.64 6.13 9.46
CA SER A 230 -0.02 7.44 9.32
C SER A 230 0.23 8.32 10.53
N ALA A 231 0.09 7.76 11.74
CA ALA A 231 0.42 8.52 12.94
C ALA A 231 1.87 8.96 12.95
N THR A 232 2.73 8.15 12.45
CA THR A 232 4.15 8.33 12.46
C THR A 232 4.63 9.21 11.20
N LEU A 233 3.81 9.35 10.13
CA LEU A 233 4.11 10.02 8.86
C LEU A 233 5.13 9.20 8.07
N MET A 234 5.34 7.93 8.42
CA MET A 234 6.18 7.09 7.58
C MET A 234 5.31 6.61 6.44
N ASN A 235 3.99 6.54 6.66
CA ASN A 235 3.09 6.21 5.55
C ASN A 235 3.35 7.19 4.41
N LYS A 236 3.42 8.48 4.72
CA LYS A 236 3.67 9.48 3.68
C LYS A 236 5.05 9.39 3.05
N GLY A 237 6.04 8.96 3.83
CA GLY A 237 7.36 8.71 3.28
C GLY A 237 7.29 7.60 2.25
N LEU A 238 6.72 6.46 2.65
CA LEU A 238 6.48 5.34 1.75
C LEU A 238 5.70 5.79 0.52
N GLU A 239 4.71 6.66 0.70
CA GLU A 239 3.91 7.12 -0.43
C GLU A 239 4.69 8.05 -1.34
N LEU A 240 5.66 8.81 -0.79
CA LEU A 240 6.54 9.60 -1.63
C LEU A 240 7.40 8.70 -2.52
N ILE A 241 8.00 7.67 -1.93
CA ILE A 241 8.75 6.69 -2.71
C ILE A 241 7.85 6.04 -3.77
N GLU A 242 6.65 5.64 -3.36
CA GLU A 242 5.72 4.98 -4.26
C GLU A 242 5.36 5.88 -5.44
N ALA A 243 5.00 7.14 -5.16
CA ALA A 243 4.67 8.08 -6.22
C ALA A 243 5.84 8.25 -7.17
N CYS A 244 7.06 8.40 -6.62
CA CYS A 244 8.22 8.57 -7.49
C CYS A 244 8.36 7.41 -8.46
N HIS A 245 8.09 6.19 -8.00
CA HIS A 245 8.21 5.05 -8.92
C HIS A 245 7.03 4.96 -9.90
N LEU A 246 5.81 5.05 -9.38
CA LEU A 246 4.62 4.85 -10.21
C LEU A 246 4.58 5.83 -11.37
N PHE A 247 4.81 7.11 -11.10
CA PHE A 247 4.75 8.14 -12.12
C PHE A 247 6.14 8.55 -12.61
N SER A 248 7.16 7.79 -12.21
CA SER A 248 8.50 8.04 -12.71
C SER A 248 8.97 9.45 -12.64
N ILE A 249 8.96 9.94 -11.43
CA ILE A 249 9.35 11.31 -11.16
C ILE A 249 10.31 11.35 -9.98
N SER A 250 11.27 12.28 -10.03
CA SER A 250 12.20 12.42 -8.92
C SER A 250 11.48 13.07 -7.72
N GLU A 251 12.09 12.81 -6.59
CA GLU A 251 11.37 13.14 -5.36
C GLU A 251 11.15 14.63 -5.20
N HIS A 252 12.04 15.51 -5.62
CA HIS A 252 11.93 16.94 -5.39
C HIS A 252 10.84 17.59 -6.24
N PHE A 253 10.09 16.82 -7.02
CA PHE A 253 8.89 17.32 -7.67
C PHE A 253 7.62 17.02 -6.89
N VAL A 254 7.73 16.22 -5.82
CA VAL A 254 6.58 15.81 -5.00
C VAL A 254 6.65 16.58 -3.70
N THR A 255 5.58 17.33 -3.41
CA THR A 255 5.50 18.16 -2.21
C THR A 255 4.41 17.63 -1.30
N VAL A 256 4.75 17.38 -0.04
CA VAL A 256 3.79 16.88 0.94
C VAL A 256 3.00 18.05 1.50
N VAL A 257 1.68 17.89 1.57
CA VAL A 257 0.79 18.91 2.09
C VAL A 257 -0.04 18.22 3.17
N VAL A 258 -0.09 18.82 4.36
CA VAL A 258 -0.93 18.29 5.42
C VAL A 258 -2.33 18.85 5.18
N HIS A 259 -3.32 17.97 5.24
CA HIS A 259 -4.72 18.32 4.94
C HIS A 259 -5.58 17.53 5.91
N PRO A 260 -5.87 18.08 7.09
CA PRO A 260 -6.46 17.27 8.16
C PRO A 260 -7.80 16.64 7.80
N GLN A 261 -8.64 17.33 7.02
CA GLN A 261 -9.95 16.78 6.69
C GLN A 261 -9.86 15.59 5.75
N SER A 262 -8.75 15.42 5.05
CA SER A 262 -8.56 14.28 4.14
C SER A 262 -9.70 14.14 3.15
N ILE A 263 -10.18 15.28 2.64
CA ILE A 263 -11.18 15.28 1.58
C ILE A 263 -10.54 15.42 0.20
N ILE A 264 -9.57 16.33 0.07
CA ILE A 264 -8.70 16.33 -1.09
C ILE A 264 -7.66 15.24 -0.90
N HIS A 265 -7.49 14.42 -1.91
CA HIS A 265 -6.69 13.21 -1.77
C HIS A 265 -5.28 13.37 -2.31
N SER A 266 -5.07 14.22 -3.31
CA SER A 266 -3.78 14.72 -3.80
C SER A 266 -3.98 15.52 -5.08
N MET A 267 -2.91 16.22 -5.52
CA MET A 267 -3.00 17.21 -6.53
C MET A 267 -1.85 17.16 -7.53
N VAL A 268 -2.13 17.57 -8.80
CA VAL A 268 -1.11 17.71 -9.82
C VAL A 268 -1.16 19.13 -10.34
N GLN A 269 0.00 19.79 -10.41
CA GLN A 269 0.08 21.17 -10.83
C GLN A 269 0.70 21.27 -12.23
N TYR A 270 0.25 22.27 -12.98
CA TYR A 270 0.61 22.42 -14.39
C TYR A 270 1.28 23.76 -14.66
N VAL A 271 2.02 23.81 -15.76
CA VAL A 271 2.91 24.93 -16.07
C VAL A 271 2.14 26.15 -16.53
N ASP A 272 0.81 26.03 -16.63
CA ASP A 272 -0.04 27.19 -16.92
C ASP A 272 -0.70 27.74 -15.66
N GLY A 273 -0.32 27.25 -14.48
CA GLY A 273 -0.94 27.65 -13.24
C GLY A 273 -2.07 26.76 -12.79
N SER A 274 -2.48 25.78 -13.61
CA SER A 274 -3.56 24.89 -13.23
C SER A 274 -3.10 23.93 -12.14
N THR A 275 -4.03 23.63 -11.24
CA THR A 275 -3.89 22.53 -10.30
C THR A 275 -5.14 21.67 -10.40
N LEU A 276 -4.93 20.38 -10.68
CA LEU A 276 -6.03 19.43 -10.77
C LEU A 276 -6.04 18.55 -9.56
N ALA A 277 -7.24 18.32 -9.10
CA ALA A 277 -7.52 17.55 -7.90
C ALA A 277 -8.63 16.53 -7.99
N GLN A 278 -8.41 15.48 -7.13
CA GLN A 278 -9.41 14.49 -6.84
C GLN A 278 -9.73 14.58 -5.36
N MET A 279 -11.03 14.55 -5.07
CA MET A 279 -11.53 14.73 -3.72
C MET A 279 -12.77 13.86 -3.56
N GLY A 280 -13.17 13.66 -2.32
CA GLY A 280 -14.35 12.87 -2.02
C GLY A 280 -14.35 12.40 -0.59
N ASN A 281 -15.47 11.83 -0.19
CA ASN A 281 -15.58 11.25 1.13
C ASN A 281 -14.50 10.17 1.31
N PRO A 282 -13.92 10.04 2.49
CA PRO A 282 -12.85 9.05 2.69
C PRO A 282 -13.37 7.62 2.70
N ASP A 283 -13.35 6.97 1.55
CA ASP A 283 -13.86 5.61 1.41
C ASP A 283 -13.06 4.94 0.30
N MET A 284 -12.18 4.01 0.68
CA MET A 284 -11.27 3.38 -0.26
C MET A 284 -12.03 2.72 -1.42
N CYS A 285 -13.35 2.56 -1.27
CA CYS A 285 -14.13 1.98 -2.35
C CYS A 285 -14.09 2.81 -3.63
N THR A 286 -13.98 4.15 -3.51
CA THR A 286 -13.85 4.98 -4.70
C THR A 286 -12.61 4.62 -5.51
N PRO A 287 -11.39 4.72 -4.96
CA PRO A 287 -10.21 4.40 -5.79
C PRO A 287 -10.14 2.95 -6.18
N ILE A 288 -10.62 2.03 -5.34
CA ILE A 288 -10.68 0.63 -5.74
C ILE A 288 -11.54 0.49 -6.99
N ALA A 289 -12.74 1.07 -6.97
CA ALA A 289 -13.62 0.98 -8.13
C ALA A 289 -12.97 1.60 -9.36
N HIS A 290 -12.36 2.78 -9.19
CA HIS A 290 -11.69 3.44 -10.31
C HIS A 290 -10.65 2.52 -10.93
N ALA A 291 -9.67 2.09 -10.13
CA ALA A 291 -8.61 1.25 -10.66
C ALA A 291 -9.17 -0.03 -11.27
N LEU A 292 -10.20 -0.61 -10.63
CA LEU A 292 -10.78 -1.86 -11.12
C LEU A 292 -11.39 -1.69 -12.50
N ALA A 293 -12.08 -0.57 -12.73
CA ALA A 293 -12.84 -0.38 -13.95
C ALA A 293 -12.13 0.46 -15.01
N TRP A 294 -10.99 1.13 -14.62
CA TRP A 294 -10.33 2.02 -15.57
C TRP A 294 -10.04 1.27 -16.88
N PRO A 295 -10.34 1.93 -18.07
CA PRO A 295 -10.71 3.35 -18.23
C PRO A 295 -12.20 3.66 -18.09
N GLU A 296 -13.02 2.67 -17.75
CA GLU A 296 -14.43 2.91 -17.53
C GLU A 296 -14.70 3.24 -16.06
N ARG A 297 -15.69 4.09 -15.84
CA ARG A 297 -16.13 4.42 -14.49
C ARG A 297 -17.13 3.38 -13.99
N LEU A 298 -17.03 3.05 -12.71
CA LEU A 298 -17.86 2.03 -12.10
C LEU A 298 -18.74 2.67 -11.03
N GLN A 299 -20.04 2.43 -11.12
CA GLN A 299 -20.97 2.90 -10.09
C GLN A 299 -20.61 2.25 -8.75
N THR A 300 -20.63 3.05 -7.70
CA THR A 300 -20.44 2.56 -6.34
C THR A 300 -21.52 3.17 -5.45
N ASN A 301 -21.55 2.71 -4.20
CA ASN A 301 -22.47 3.25 -3.22
C ASN A 301 -21.85 4.34 -2.36
N VAL A 302 -20.61 4.71 -2.63
CA VAL A 302 -19.96 5.82 -1.92
C VAL A 302 -20.78 7.08 -2.16
N PRO A 303 -21.29 7.73 -1.11
CA PRO A 303 -22.11 8.92 -1.32
C PRO A 303 -21.34 10.05 -1.98
N ALA A 304 -22.06 10.86 -2.75
CA ALA A 304 -21.45 12.00 -3.42
C ALA A 304 -20.89 12.96 -2.38
N LEU A 305 -19.75 13.57 -2.70
CA LEU A 305 -19.14 14.54 -1.80
C LEU A 305 -20.04 15.75 -1.63
N ASP A 306 -20.40 16.07 -0.40
CA ASP A 306 -21.30 17.16 -0.08
C ASP A 306 -20.51 18.27 0.61
N LEU A 307 -20.15 19.29 -0.17
CA LEU A 307 -19.34 20.38 0.37
C LEU A 307 -20.13 21.35 1.23
N PHE A 308 -21.45 21.23 1.28
CA PHE A 308 -22.23 22.00 2.23
C PHE A 308 -22.11 21.43 3.64
N GLU A 309 -21.94 20.12 3.76
CA GLU A 309 -21.68 19.48 5.05
C GLU A 309 -20.19 19.54 5.39
N TYR A 310 -19.34 19.13 4.45
CA TYR A 310 -17.88 19.27 4.62
C TYR A 310 -17.45 20.59 3.99
N SER A 311 -17.78 21.66 4.71
CA SER A 311 -17.76 23.02 4.19
C SER A 311 -16.43 23.73 4.41
N GLN A 312 -15.41 23.04 4.90
CA GLN A 312 -14.11 23.66 5.11
C GLN A 312 -12.99 22.69 4.79
N LEU A 313 -11.92 23.23 4.20
CA LEU A 313 -10.71 22.48 3.88
C LEU A 313 -9.52 23.32 4.28
N ASN A 314 -8.53 22.69 4.93
CA ASN A 314 -7.36 23.38 5.43
C ASN A 314 -6.09 22.67 4.97
N PHE A 315 -5.00 23.44 4.90
CA PHE A 315 -3.72 22.92 4.44
C PHE A 315 -2.61 23.58 5.26
N GLN A 316 -1.50 22.86 5.40
CA GLN A 316 -0.34 23.38 6.12
C GLN A 316 0.85 22.48 5.84
N ALA A 317 2.04 22.97 6.17
CA ALA A 317 3.28 22.27 5.89
C ALA A 317 3.57 21.24 6.97
N PRO A 318 4.10 20.08 6.60
CA PRO A 318 4.38 19.04 7.59
C PRO A 318 5.52 19.46 8.50
N ASP A 319 5.45 19.00 9.75
CA ASP A 319 6.49 19.28 10.74
C ASP A 319 7.50 18.13 10.69
N THR A 320 8.47 18.26 9.79
CA THR A 320 9.46 17.20 9.60
C THR A 320 10.48 17.13 10.72
N GLN A 321 10.47 18.07 11.67
CA GLN A 321 11.26 17.92 12.88
C GLN A 321 10.54 17.03 13.89
N LYS A 322 9.23 17.21 14.03
CA LYS A 322 8.45 16.40 14.96
C LYS A 322 8.11 15.03 14.40
N PHE A 323 8.10 14.88 13.07
CA PHE A 323 7.87 13.60 12.41
C PHE A 323 9.02 13.36 11.44
N PRO A 324 10.16 12.90 11.95
CA PRO A 324 11.35 12.77 11.09
C PRO A 324 11.29 11.61 10.12
N ALA A 325 10.27 10.76 10.18
CA ALA A 325 10.17 9.65 9.22
C ALA A 325 10.08 10.17 7.79
N LEU A 326 9.49 11.35 7.60
CA LEU A 326 9.35 11.91 6.26
C LEU A 326 10.70 12.18 5.63
N ASN A 327 11.58 12.88 6.36
CA ASN A 327 12.91 13.16 5.83
C ASN A 327 13.72 11.88 5.66
N LEU A 328 13.47 10.87 6.50
CA LEU A 328 14.14 9.58 6.33
C LEU A 328 13.75 8.94 5.00
N ALA A 329 12.44 8.92 4.72
CA ALA A 329 11.99 8.37 3.44
C ALA A 329 12.55 9.15 2.27
N ARG A 330 12.58 10.48 2.33
CA ARG A 330 13.06 11.24 1.17
C ARG A 330 14.53 10.94 0.90
N GLN A 331 15.15 10.35 1.88
CA GLN A 331 16.53 10.14 1.98
C GLN A 331 16.91 8.93 1.25
N ALA A 332 16.24 7.90 1.70
CA ALA A 332 16.21 6.65 1.03
C ALA A 332 15.89 6.92 -0.46
N MET A 333 14.89 7.74 -0.79
CA MET A 333 14.55 7.90 -2.20
C MET A 333 15.70 8.53 -2.97
N ARG A 334 16.24 9.65 -2.47
CA ARG A 334 17.34 10.30 -3.17
C ARG A 334 18.55 9.30 -3.25
N ALA A 335 18.86 8.56 -2.18
CA ALA A 335 19.94 7.58 -2.22
C ALA A 335 19.68 6.53 -3.29
N GLY A 336 18.42 6.09 -3.40
CA GLY A 336 18.09 5.09 -4.40
C GLY A 336 18.63 3.71 -4.02
N GLY A 337 18.68 2.85 -5.03
CA GLY A 337 19.15 1.50 -4.79
C GLY A 337 18.32 0.82 -3.72
N LEU A 338 19.02 0.19 -2.78
CA LEU A 338 18.38 -0.58 -1.70
C LEU A 338 18.03 0.25 -0.48
N ALA A 339 18.00 1.56 -0.60
CA ALA A 339 17.70 2.39 0.53
C ALA A 339 16.26 2.35 0.94
N PRO A 340 15.30 2.44 0.01
CA PRO A 340 13.90 2.22 0.38
C PRO A 340 13.62 0.86 0.99
N THR A 341 14.32 -0.21 0.52
CA THR A 341 14.13 -1.53 1.11
C THR A 341 14.55 -1.53 2.57
N ILE A 342 15.72 -0.97 2.86
CA ILE A 342 16.20 -0.89 4.24
C ILE A 342 15.24 -0.11 5.10
N LEU A 343 14.85 1.02 4.61
CA LEU A 343 13.93 1.79 5.35
C LEU A 343 12.66 1.01 5.67
N ASN A 344 12.07 0.39 4.64
CA ASN A 344 10.82 -0.33 4.81
C ASN A 344 10.94 -1.47 5.82
N ALA A 345 12.02 -2.26 5.72
CA ALA A 345 12.19 -3.38 6.64
C ALA A 345 12.36 -2.89 8.07
N ALA A 346 13.24 -1.91 8.27
CA ALA A 346 13.42 -1.33 9.59
C ALA A 346 12.10 -0.83 10.15
N ASN A 347 11.33 -0.10 9.34
CA ASN A 347 10.06 0.43 9.82
C ASN A 347 9.07 -0.69 10.12
N GLU A 348 9.08 -1.76 9.32
CA GLU A 348 8.18 -2.88 9.59
C GLU A 348 8.43 -3.45 10.98
N ILE A 349 9.68 -3.80 11.29
CA ILE A 349 9.88 -4.40 12.60
C ILE A 349 9.83 -3.37 13.72
N ALA A 350 10.07 -2.10 13.45
CA ALA A 350 9.91 -1.08 14.49
C ALA A 350 8.45 -0.87 14.84
N VAL A 351 7.60 -0.75 13.80
CA VAL A 351 6.16 -0.66 14.02
C VAL A 351 5.66 -1.89 14.77
N GLU A 352 6.18 -3.05 14.40
CA GLU A 352 5.81 -4.30 15.05
C GLU A 352 6.18 -4.30 16.53
N ALA A 353 7.40 -3.88 16.82
CA ALA A 353 7.89 -3.81 18.19
C ALA A 353 7.08 -2.82 19.01
N PHE A 354 6.72 -1.69 18.42
CA PHE A 354 5.90 -0.71 19.13
C PHE A 354 4.50 -1.26 19.40
N LEU A 355 3.87 -1.87 18.39
CA LEU A 355 2.56 -2.47 18.58
C LEU A 355 2.59 -3.56 19.65
N MET A 356 3.72 -4.17 19.88
CA MET A 356 3.80 -5.20 20.84
C MET A 356 4.32 -4.63 22.15
N GLU A 357 4.24 -3.32 22.29
CA GLU A 357 4.56 -2.62 23.54
C GLU A 357 5.99 -2.95 24.00
N ARG A 358 6.86 -3.22 23.04
CA ARG A 358 8.27 -3.48 23.33
C ARG A 358 9.11 -2.21 23.18
N ILE A 359 8.54 -1.22 22.53
CA ILE A 359 9.24 0.04 22.31
C ILE A 359 8.23 1.18 22.34
N GLY A 360 8.80 2.37 22.64
CA GLY A 360 7.97 3.55 22.63
C GLY A 360 7.77 4.13 21.24
N PHE A 361 6.67 4.87 21.09
CA PHE A 361 6.33 5.46 19.80
C PHE A 361 7.49 6.30 19.26
N THR A 362 8.05 7.18 20.08
CA THR A 362 9.12 8.06 19.64
C THR A 362 10.31 7.28 19.08
N SER A 363 10.48 6.02 19.51
CA SER A 363 11.61 5.23 19.04
C SER A 363 11.45 4.73 17.61
N ILE A 364 10.24 4.72 17.08
CA ILE A 364 10.06 4.10 15.77
C ILE A 364 10.97 4.65 14.68
N PRO A 365 10.95 5.95 14.41
CA PRO A 365 11.90 6.46 13.41
C PRO A 365 13.34 6.22 13.81
N GLN A 366 13.67 6.26 15.09
CA GLN A 366 15.05 6.09 15.58
C GLN A 366 15.72 4.81 15.10
N VAL A 367 15.04 3.72 15.31
CA VAL A 367 15.53 2.46 14.77
C VAL A 367 15.70 2.50 13.26
N VAL A 368 14.74 3.12 12.56
CA VAL A 368 14.84 3.24 11.11
C VAL A 368 16.15 3.94 10.80
N GLU A 369 16.30 5.17 11.31
CA GLU A 369 17.52 5.93 11.04
C GLU A 369 18.76 5.09 11.33
N HIS A 370 18.83 4.52 12.54
CA HIS A 370 20.01 3.74 12.90
C HIS A 370 20.30 2.68 11.84
N THR A 371 19.28 1.90 11.47
CA THR A 371 19.48 0.88 10.44
C THR A 371 20.04 1.51 9.17
N LEU A 372 19.41 2.56 8.70
CA LEU A 372 19.94 3.19 7.52
C LEU A 372 21.37 3.69 7.66
N GLU A 373 21.75 4.19 8.85
CA GLU A 373 23.14 4.66 9.03
C GLU A 373 24.01 3.37 9.13
N LYS A 374 23.53 2.27 9.73
CA LYS A 374 24.42 1.14 10.02
C LYS A 374 24.66 0.28 8.79
N LEU A 375 23.60 -0.18 8.14
CA LEU A 375 23.73 -1.01 6.94
C LEU A 375 24.00 -0.15 5.71
N GLU A 376 24.92 -0.60 4.88
CA GLU A 376 25.37 0.17 3.73
C GLU A 376 24.52 -0.11 2.51
N ASN A 377 24.36 0.92 1.67
CA ASN A 377 23.51 0.83 0.50
C ASN A 377 24.24 0.16 -0.66
N ALA A 378 23.44 -0.35 -1.59
CA ALA A 378 23.96 -0.90 -2.80
C ALA A 378 22.87 -0.89 -3.85
N ALA A 379 23.22 -1.23 -5.08
CA ALA A 379 22.27 -1.09 -6.18
C ALA A 379 21.15 -2.10 -5.96
N ALA A 380 19.95 -1.71 -6.38
CA ALA A 380 18.79 -2.61 -6.31
C ALA A 380 18.85 -3.49 -7.57
N GLU A 381 19.77 -4.42 -7.64
CA GLU A 381 20.00 -5.09 -8.89
C GLU A 381 19.00 -6.15 -9.18
N SER A 382 18.50 -6.83 -8.18
CA SER A 382 17.56 -7.91 -8.45
C SER A 382 16.71 -8.17 -7.23
N ILE A 383 15.62 -8.91 -7.46
CA ILE A 383 14.73 -9.30 -6.35
C ILE A 383 15.49 -10.09 -5.31
N GLU A 384 16.43 -10.93 -5.76
CA GLU A 384 17.26 -11.67 -4.82
C GLU A 384 18.02 -10.72 -3.90
N CYS A 385 18.73 -9.80 -4.52
CA CYS A 385 19.45 -8.76 -3.73
CA CYS A 385 19.50 -8.72 -3.79
C CYS A 385 18.52 -8.05 -2.82
N ILE A 386 17.30 -7.72 -3.26
CA ILE A 386 16.36 -6.96 -2.44
C ILE A 386 15.94 -7.75 -1.21
N LEU A 387 15.53 -9.01 -1.41
CA LEU A 387 15.14 -9.85 -0.28
C LEU A 387 16.29 -10.02 0.69
N ASP A 388 17.50 -10.17 0.16
CA ASP A 388 18.69 -10.33 0.98
C ASP A 388 18.90 -9.11 1.88
N LYS A 389 18.93 -7.92 1.26
CA LYS A 389 19.12 -6.68 2.03
C LYS A 389 17.97 -6.46 3.00
N ASP A 390 16.77 -6.89 2.64
CA ASP A 390 15.64 -6.76 3.55
C ASP A 390 15.82 -7.60 4.80
N LYS A 391 16.27 -8.85 4.63
CA LYS A 391 16.56 -9.69 5.79
C LYS A 391 17.64 -9.06 6.67
N VAL A 392 18.72 -8.57 6.04
CA VAL A 392 19.82 -8.00 6.82
C VAL A 392 19.34 -6.76 7.57
N ALA A 393 18.51 -5.93 6.93
CA ALA A 393 17.99 -4.74 7.60
C ALA A 393 17.09 -5.11 8.77
N ARG A 394 16.22 -6.11 8.58
CA ARG A 394 15.42 -6.60 9.69
C ARG A 394 16.30 -7.02 10.86
N SER A 395 17.40 -7.72 10.57
CA SER A 395 18.30 -8.16 11.62
C SER A 395 18.91 -6.97 12.36
N VAL A 396 19.46 -6.02 11.60
CA VAL A 396 20.08 -4.84 12.21
C VAL A 396 19.07 -4.13 13.12
N ALA A 397 17.84 -3.95 12.62
CA ALA A 397 16.84 -3.23 13.38
C ALA A 397 16.44 -4.00 14.64
N GLN A 398 16.28 -5.31 14.54
CA GLN A 398 15.92 -6.10 15.72
C GLN A 398 17.01 -6.00 16.78
N GLN A 399 18.28 -6.03 16.36
CA GLN A 399 19.38 -5.88 17.31
C GLN A 399 19.32 -4.52 17.99
N TYR A 400 19.21 -3.45 17.20
CA TYR A 400 19.13 -2.11 17.79
C TYR A 400 17.99 -2.03 18.80
N ILE A 401 16.84 -2.59 18.46
CA ILE A 401 15.68 -2.56 19.34
C ILE A 401 16.07 -3.20 20.66
N SER A 402 16.50 -4.45 20.58
CA SER A 402 16.70 -5.20 21.77
C SER A 402 17.68 -4.45 22.66
N SER A 403 18.56 -3.63 22.07
CA SER A 403 19.49 -2.84 22.88
C SER A 403 18.97 -1.53 23.49
N ILE A 404 17.67 -1.29 23.40
CA ILE A 404 17.07 -0.18 24.08
C ILE A 404 15.93 -0.65 24.88
N GLY A 405 15.99 -1.92 25.29
CA GLY A 405 14.92 -2.43 26.12
C GLY A 405 13.84 -3.17 25.33
#